data_4JPK
#
_entry.id   4JPK
#
_cell.length_a   179.260
_cell.length_b   63.300
_cell.length_c   61.300
_cell.angle_alpha   90.00
_cell.angle_beta   90.43
_cell.angle_gamma   90.00
#
_symmetry.space_group_name_H-M   'C 1 2 1'
#
loop_
_entity.id
_entity.type
_entity.pdbx_description
1 polymer 'Putative VRC01 germline precursor Fab heavy chain'
2 polymer 'Putative VRC01 germline precursor Fab light chain'
3 polymer 'Germline-targeting HIV-1 gp120 engineered outer domain, eOD-GT6'
4 non-polymer 2-acetamido-2-deoxy-beta-D-glucopyranose
5 water water
#
loop_
_entity_poly.entity_id
_entity_poly.type
_entity_poly.pdbx_seq_one_letter_code
_entity_poly.pdbx_strand_id
1 'polypeptide(L)'
;QVQLVQSGAEVKKPGASVKVSCKASGYTFTGYYMHWVRQAPGQGLEWMGWINPNSGGTNYAQKFQGRVTMTRDTSISTAY
MELSRLRSDDTAVYYCARGKNSDYNWDFQHWGQGTLVTVSSASTKGPSVFPLAPSSKSTSGGTAALGCLVKDYFPEPVTV
SWNSGALTSGVHTFPAVLQSSGLYSLSSVVTVPSSSLGTQTYICNVNHKPSNTKVDKKVEPKSCDKTHTKLGGSGGHHHH
HHGGSGHG
;
H
2 'polypeptide(L)'
;EIVLTQSPATLSLSPGERATLSCRASQSVSSYLAWYQQKPGQAPRLLIYDASNRATGIPARFSGSGSGTDFTLTISSLEP
EDFAVYYCQQYEFFGQGTKLEIKRSTVAPSVFIFPPSDEQLKSGTASVVCLLNNFYPREAKVQWKVDNALQSGNSQESVT
EQDSKDSTYSLSSTLTLSKADYEKHKVYACEVTHQGLSSPVTKSFNRGEC
;
L
3 'polypeptide(L)'
;DTITLPCRPAPPPHCSSNITGLILTRDGGVSNDETEIFRPSGGDMRDIARCQIAGTVVSTQLFLNGSLAEEEVVIRSVDF
RDNAKSICVQLATSVEIACTGAGHCAISRAKWANTLKQIASKLREQFGARTIIFKQSSGGDPEFVTHSFNCGGEFFYCDS
TQLFASTWFAST
;
A
#
# COMPACT_ATOMS: atom_id res chain seq x y z
N GLN A 1 4.89 25.04 -4.42
CA GLN A 1 3.50 24.83 -4.00
C GLN A 1 2.96 23.51 -4.52
N VAL A 2 3.77 22.45 -4.43
CA VAL A 2 3.40 21.15 -4.98
C VAL A 2 2.15 20.56 -4.33
N GLN A 3 1.13 20.31 -5.15
CA GLN A 3 -0.06 19.62 -4.69
C GLN A 3 -0.44 18.49 -5.64
N LEU A 4 -0.87 17.36 -5.07
CA LEU A 4 -1.37 16.22 -5.82
C LEU A 4 -2.80 15.96 -5.37
N VAL A 5 -3.76 16.08 -6.28
CA VAL A 5 -5.16 15.85 -5.92
C VAL A 5 -5.79 14.65 -6.61
N GLN A 6 -6.28 13.69 -5.83
CA GLN A 6 -6.89 12.49 -6.42
C GLN A 6 -8.41 12.48 -6.42
N SER A 7 -8.99 11.67 -7.28
CA SER A 7 -10.43 11.50 -7.37
C SER A 7 -11.00 10.75 -6.16
N GLY A 8 -12.32 10.70 -6.06
CA GLY A 8 -12.97 10.22 -4.85
C GLY A 8 -12.99 8.71 -4.66
N ALA A 9 -13.33 8.30 -3.44
CA ALA A 9 -13.45 6.89 -3.08
C ALA A 9 -14.40 6.14 -4.00
N GLU A 10 -14.16 4.85 -4.20
CA GLU A 10 -15.06 4.08 -5.05
C GLU A 10 -15.38 2.69 -4.51
N VAL A 11 -16.60 2.22 -4.78
CA VAL A 11 -17.01 0.88 -4.42
C VAL A 11 -17.24 0.03 -5.68
N LYS A 12 -16.56 -1.11 -5.75
CA LYS A 12 -16.54 -1.92 -6.97
C LYS A 12 -16.77 -3.39 -6.68
N LYS A 13 -17.52 -4.06 -7.55
CA LYS A 13 -17.72 -5.50 -7.49
C LYS A 13 -16.50 -6.21 -8.07
N PRO A 14 -16.22 -7.43 -7.59
CA PRO A 14 -15.14 -8.23 -8.19
C PRO A 14 -15.31 -8.37 -9.70
N GLY A 15 -14.19 -8.38 -10.43
CA GLY A 15 -14.22 -8.55 -11.87
C GLY A 15 -14.20 -7.22 -12.59
N ALA A 16 -14.66 -6.18 -11.89
CA ALA A 16 -14.72 -4.83 -12.44
C ALA A 16 -13.35 -4.19 -12.47
N SER A 17 -13.31 -2.96 -12.94
CA SER A 17 -12.07 -2.20 -12.99
C SER A 17 -12.28 -0.81 -12.40
N VAL A 18 -11.20 -0.17 -11.99
CA VAL A 18 -11.25 1.16 -11.40
C VAL A 18 -10.21 2.05 -12.06
N LYS A 19 -10.55 3.31 -12.30
CA LYS A 19 -9.56 4.27 -12.75
C LYS A 19 -9.44 5.41 -11.75
N VAL A 20 -8.24 5.61 -11.23
CA VAL A 20 -7.95 6.66 -10.26
C VAL A 20 -7.12 7.74 -10.91
N SER A 21 -7.52 9.00 -10.72
CA SER A 21 -6.80 10.10 -11.34
C SER A 21 -5.98 10.87 -10.31
N CYS A 22 -4.95 11.57 -10.80
CA CYS A 22 -4.10 12.36 -9.93
C CYS A 22 -3.73 13.65 -10.66
N LYS A 23 -4.27 14.77 -10.20
CA LYS A 23 -3.95 16.07 -10.78
C LYS A 23 -2.75 16.68 -10.05
N ALA A 24 -1.69 16.96 -10.81
CA ALA A 24 -0.45 17.49 -10.22
C ALA A 24 -0.34 18.97 -10.49
N SER A 25 0.25 19.70 -9.55
CA SER A 25 0.43 21.14 -9.72
C SER A 25 1.60 21.65 -8.88
N GLY A 26 2.08 22.85 -9.21
CA GLY A 26 3.17 23.45 -8.46
C GLY A 26 4.55 23.12 -8.98
N TYR A 27 4.64 22.23 -9.96
CA TYR A 27 5.91 21.90 -10.60
C TYR A 27 5.74 21.54 -12.08
N THR A 28 6.84 21.49 -12.82
CA THR A 28 6.77 21.10 -14.23
C THR A 28 6.53 19.59 -14.33
N PHE A 29 5.32 19.23 -14.76
CA PHE A 29 4.83 17.86 -14.75
C PHE A 29 5.75 16.84 -15.39
N THR A 30 6.23 17.18 -16.57
CA THR A 30 7.10 16.33 -17.38
C THR A 30 8.48 16.07 -16.74
N GLY A 31 8.80 16.82 -15.71
CA GLY A 31 10.09 16.70 -15.04
C GLY A 31 10.29 15.51 -14.10
N TYR A 32 9.20 14.91 -13.64
CA TYR A 32 9.30 13.86 -12.63
C TYR A 32 8.45 12.65 -12.97
N TYR A 33 8.92 11.45 -12.61
CA TYR A 33 8.11 10.26 -12.71
C TYR A 33 7.01 10.31 -11.65
N MET A 34 5.84 9.80 -12.01
CA MET A 34 4.74 9.66 -11.06
C MET A 34 4.61 8.20 -10.64
N HIS A 35 4.59 7.96 -9.33
CA HIS A 35 4.45 6.60 -8.83
C HIS A 35 3.05 6.33 -8.27
N TRP A 36 2.63 5.07 -8.28
CA TRP A 36 1.44 4.68 -7.54
C TRP A 36 1.80 3.68 -6.45
N VAL A 37 1.25 3.90 -5.26
CA VAL A 37 1.52 3.06 -4.09
C VAL A 37 0.23 2.81 -3.34
N ARG A 38 -0.08 1.55 -3.05
CA ARG A 38 -1.30 1.22 -2.32
C ARG A 38 -1.07 0.73 -0.89
N GLN A 39 -2.10 0.87 -0.06
CA GLN A 39 -2.04 0.42 1.32
C GLN A 39 -3.36 -0.23 1.72
N ALA A 40 -3.33 -1.54 1.92
CA ALA A 40 -4.49 -2.24 2.46
C ALA A 40 -4.67 -1.82 3.92
N PRO A 41 -5.92 -1.90 4.44
CA PRO A 41 -6.16 -1.56 5.85
C PRO A 41 -5.34 -2.39 6.82
N GLY A 42 -4.66 -1.72 7.73
CA GLY A 42 -3.88 -2.38 8.77
C GLY A 42 -2.57 -2.94 8.26
N GLN A 43 -2.26 -2.68 6.99
CA GLN A 43 -1.06 -3.24 6.39
C GLN A 43 -0.09 -2.17 5.89
N GLY A 44 1.00 -2.62 5.26
CA GLY A 44 2.07 -1.73 4.88
C GLY A 44 1.88 -1.08 3.52
N LEU A 45 2.97 -0.53 2.98
CA LEU A 45 2.97 0.11 1.66
C LEU A 45 3.54 -0.81 0.60
N GLU A 46 2.85 -0.89 -0.53
CA GLU A 46 3.29 -1.69 -1.66
C GLU A 46 3.34 -0.84 -2.94
N TRP A 47 4.49 -0.83 -3.60
CA TRP A 47 4.68 -0.10 -4.85
C TRP A 47 4.02 -0.80 -6.05
N MET A 48 3.28 -0.06 -6.86
CA MET A 48 2.61 -0.64 -8.02
C MET A 48 3.39 -0.42 -9.33
N GLY A 49 3.88 0.80 -9.52
CA GLY A 49 4.61 1.13 -10.73
C GLY A 49 4.84 2.62 -10.93
N TRP A 50 5.74 2.96 -11.84
CA TRP A 50 5.90 4.35 -12.27
C TRP A 50 5.51 4.59 -13.72
N ILE A 51 5.26 5.85 -14.03
CA ILE A 51 5.04 6.27 -15.40
C ILE A 51 5.93 7.46 -15.70
N ASN A 52 6.60 7.40 -16.85
CA ASN A 52 7.38 8.52 -17.35
C ASN A 52 6.43 9.40 -18.14
N PRO A 53 6.08 10.57 -17.59
CA PRO A 53 5.07 11.44 -18.20
C PRO A 53 5.57 12.11 -19.47
N ASN A 54 6.88 12.08 -19.68
CA ASN A 54 7.49 12.68 -20.85
C ASN A 54 7.40 11.73 -22.05
N SER A 55 7.47 10.44 -21.79
CA SER A 55 7.47 9.43 -22.86
C SER A 55 6.25 8.52 -22.81
N GLY A 56 5.57 8.49 -21.67
CA GLY A 56 4.47 7.57 -21.46
C GLY A 56 4.96 6.16 -21.19
N GLY A 57 6.29 5.99 -21.14
CA GLY A 57 6.89 4.73 -20.76
C GLY A 57 6.53 4.37 -19.32
N THR A 58 6.36 3.07 -19.07
CA THR A 58 6.01 2.61 -17.73
C THR A 58 6.89 1.47 -17.25
N ASN A 59 6.83 1.25 -15.95
CA ASN A 59 7.43 0.10 -15.31
C ASN A 59 6.46 -0.29 -14.20
N TYR A 60 5.92 -1.49 -14.29
CA TYR A 60 4.98 -2.00 -13.31
C TYR A 60 5.66 -3.08 -12.49
N ALA A 61 5.26 -3.20 -11.23
CA ALA A 61 5.69 -4.34 -10.41
C ALA A 61 5.23 -5.63 -11.09
N GLN A 62 6.04 -6.68 -10.97
CA GLN A 62 5.73 -7.97 -11.58
C GLN A 62 4.39 -8.57 -11.18
N LYS A 63 3.94 -8.31 -9.95
CA LYS A 63 2.67 -8.87 -9.49
C LYS A 63 1.46 -8.15 -10.08
N PHE A 64 1.69 -7.05 -10.79
CA PHE A 64 0.59 -6.30 -11.39
C PHE A 64 0.59 -6.30 -12.93
N GLN A 65 1.62 -6.90 -13.53
CA GLN A 65 1.72 -6.96 -14.98
C GLN A 65 0.53 -7.70 -15.57
N GLY A 66 -0.14 -7.08 -16.55
CA GLY A 66 -1.30 -7.68 -17.17
C GLY A 66 -2.63 -7.15 -16.66
N ARG A 67 -2.61 -6.43 -15.55
CA ARG A 67 -3.87 -5.95 -14.96
C ARG A 67 -3.83 -4.44 -14.66
N VAL A 68 -2.65 -3.85 -14.67
CA VAL A 68 -2.51 -2.42 -14.40
C VAL A 68 -2.10 -1.68 -15.67
N THR A 69 -2.68 -0.49 -15.85
CA THR A 69 -2.30 0.37 -16.95
C THR A 69 -2.21 1.80 -16.46
N MET A 70 -1.03 2.38 -16.56
CA MET A 70 -0.85 3.78 -16.20
C MET A 70 -0.68 4.64 -17.45
N THR A 71 -1.40 5.75 -17.50
CA THR A 71 -1.25 6.73 -18.56
C THR A 71 -1.23 8.13 -17.94
N ARG A 72 -1.01 9.14 -18.78
CA ARG A 72 -1.08 10.50 -18.31
C ARG A 72 -1.58 11.43 -19.41
N ASP A 73 -2.13 12.56 -19.00
CA ASP A 73 -2.51 13.62 -19.93
C ASP A 73 -1.73 14.87 -19.56
N THR A 74 -0.62 15.10 -20.27
CA THR A 74 0.25 16.23 -19.97
C THR A 74 -0.48 17.56 -20.14
N SER A 75 -1.46 17.58 -21.05
CA SER A 75 -2.30 18.74 -21.30
C SER A 75 -2.94 19.30 -20.02
N ILE A 76 -3.32 18.42 -19.11
CA ILE A 76 -4.00 18.86 -17.89
C ILE A 76 -3.28 18.44 -16.61
N SER A 77 -2.00 18.07 -16.73
CA SER A 77 -1.18 17.62 -15.60
C SER A 77 -1.80 16.50 -14.78
N THR A 78 -2.37 15.50 -15.46
CA THR A 78 -3.03 14.43 -14.74
C THR A 78 -2.54 13.03 -15.13
N ALA A 79 -2.19 12.25 -14.12
CA ALA A 79 -1.80 10.86 -14.31
C ALA A 79 -2.98 9.98 -13.94
N TYR A 80 -3.02 8.78 -14.49
CA TYR A 80 -4.12 7.86 -14.23
C TYR A 80 -3.58 6.46 -13.95
N MET A 81 -4.26 5.75 -13.08
CA MET A 81 -3.88 4.39 -12.76
C MET A 81 -5.12 3.54 -12.89
N GLU A 82 -5.06 2.53 -13.73
CA GLU A 82 -6.23 1.69 -13.96
C GLU A 82 -5.98 0.25 -13.56
N LEU A 83 -6.79 -0.24 -12.62
CA LEU A 83 -6.67 -1.60 -12.14
C LEU A 83 -7.90 -2.42 -12.51
N SER A 84 -7.70 -3.44 -13.34
CA SER A 84 -8.81 -4.21 -13.88
C SER A 84 -8.93 -5.58 -13.24
N ARG A 85 -10.08 -6.22 -13.44
CA ARG A 85 -10.34 -7.56 -12.89
C ARG A 85 -10.16 -7.54 -11.37
N LEU A 86 -10.92 -6.68 -10.69
CA LEU A 86 -10.71 -6.45 -9.26
C LEU A 86 -11.10 -7.66 -8.42
N ARG A 87 -10.32 -7.91 -7.38
CA ARG A 87 -10.68 -8.92 -6.40
C ARG A 87 -10.64 -8.30 -5.02
N SER A 88 -11.14 -9.02 -4.02
CA SER A 88 -11.32 -8.47 -2.68
C SER A 88 -10.04 -7.97 -2.02
N ASP A 89 -8.93 -8.65 -2.26
CA ASP A 89 -7.66 -8.22 -1.69
C ASP A 89 -7.02 -7.06 -2.44
N ASP A 90 -7.77 -6.44 -3.35
CA ASP A 90 -7.37 -5.18 -3.95
C ASP A 90 -7.97 -4.01 -3.17
N THR A 91 -8.67 -4.33 -2.09
CA THR A 91 -9.24 -3.28 -1.26
C THR A 91 -8.10 -2.56 -0.60
N ALA A 92 -7.96 -1.28 -0.88
CA ALA A 92 -6.84 -0.50 -0.36
C ALA A 92 -7.05 0.99 -0.61
N VAL A 93 -6.24 1.79 0.06
CA VAL A 93 -6.09 3.20 -0.30
C VAL A 93 -4.95 3.29 -1.31
N TYR A 94 -5.25 3.84 -2.48
CA TYR A 94 -4.25 3.99 -3.53
C TYR A 94 -3.73 5.43 -3.53
N TYR A 95 -2.41 5.56 -3.61
CA TYR A 95 -1.75 6.86 -3.56
C TYR A 95 -0.93 7.11 -4.83
N CYS A 96 -1.09 8.30 -5.41
CA CYS A 96 -0.08 8.76 -6.36
C CYS A 96 1.01 9.46 -5.55
N ALA A 97 2.24 9.40 -6.03
CA ALA A 97 3.35 9.92 -5.25
C ALA A 97 4.52 10.30 -6.15
N ARG A 98 5.31 11.27 -5.69
CA ARG A 98 6.42 11.80 -6.46
C ARG A 98 7.69 11.93 -5.64
N GLY A 99 8.82 11.55 -6.24
CA GLY A 99 10.11 11.63 -5.57
C GLY A 99 10.51 13.05 -5.22
N LYS A 100 11.27 13.21 -4.14
CA LYS A 100 11.76 14.52 -3.73
C LYS A 100 12.80 15.03 -4.73
N ASN A 101 13.59 14.10 -5.24
CA ASN A 101 14.61 14.41 -6.22
C ASN A 101 14.39 13.61 -7.50
N SER A 102 15.08 14.01 -8.56
CA SER A 102 14.89 13.39 -9.87
C SER A 102 15.96 12.34 -10.17
N ASP A 103 17.08 12.37 -9.44
CA ASP A 103 18.15 11.42 -9.67
C ASP A 103 17.79 10.05 -9.08
N TYR A 104 18.05 9.86 -7.80
CA TYR A 104 17.38 8.81 -7.04
C TYR A 104 16.02 9.39 -6.73
N ASN A 105 14.98 8.86 -7.36
CA ASN A 105 13.64 9.44 -7.23
C ASN A 105 12.66 8.65 -6.35
N TRP A 106 13.17 7.92 -5.36
CA TRP A 106 12.33 7.05 -4.54
C TRP A 106 12.01 7.58 -3.14
N ASP A 107 12.49 8.76 -2.81
CA ASP A 107 12.09 9.40 -1.56
C ASP A 107 10.84 10.22 -1.84
N PHE A 108 9.68 9.68 -1.49
CA PHE A 108 8.41 10.33 -1.86
C PHE A 108 8.08 11.50 -0.95
N GLN A 109 8.59 12.67 -1.31
CA GLN A 109 8.28 13.89 -0.58
C GLN A 109 6.79 14.23 -0.67
N HIS A 110 6.20 13.94 -1.83
CA HIS A 110 4.82 14.36 -2.11
C HIS A 110 3.86 13.21 -2.34
N TRP A 111 2.66 13.33 -1.76
CA TRP A 111 1.62 12.31 -1.85
C TRP A 111 0.28 12.96 -2.06
N GLY A 112 -0.62 12.30 -2.79
CA GLY A 112 -2.01 12.70 -2.81
C GLY A 112 -2.69 12.36 -1.49
N GLN A 113 -3.96 12.73 -1.36
CA GLN A 113 -4.72 12.43 -0.15
C GLN A 113 -5.07 10.95 -0.10
N GLY A 114 -4.96 10.29 -1.26
CA GLY A 114 -5.23 8.87 -1.35
C GLY A 114 -6.67 8.58 -1.72
N THR A 115 -6.86 7.51 -2.50
CA THR A 115 -8.18 7.11 -2.92
C THR A 115 -8.52 5.73 -2.37
N LEU A 116 -9.54 5.66 -1.51
CA LEU A 116 -10.00 4.38 -1.00
C LEU A 116 -10.80 3.65 -2.07
N VAL A 117 -10.44 2.39 -2.32
CA VAL A 117 -11.16 1.58 -3.29
C VAL A 117 -11.58 0.25 -2.67
N THR A 118 -12.87 0.07 -2.49
CA THR A 118 -13.41 -1.13 -1.84
C THR A 118 -13.96 -2.13 -2.85
N VAL A 119 -13.38 -3.33 -2.89
CA VAL A 119 -13.91 -4.39 -3.75
C VAL A 119 -15.00 -5.23 -3.05
N SER A 120 -16.10 -5.43 -3.76
CA SER A 120 -17.42 -5.68 -3.17
C SER A 120 -17.90 -7.12 -3.04
N SER A 121 -18.89 -7.43 -3.88
CA SER A 121 -19.80 -8.59 -3.78
C SER A 121 -21.05 -8.21 -2.98
N ALA A 122 -20.85 -7.48 -1.89
CA ALA A 122 -21.95 -7.05 -1.02
C ALA A 122 -22.75 -5.94 -1.69
N SER A 123 -23.94 -5.70 -1.17
CA SER A 123 -24.81 -4.63 -1.66
C SER A 123 -25.13 -3.69 -0.52
N THR A 124 -25.38 -2.43 -0.85
CA THR A 124 -25.74 -1.41 0.13
C THR A 124 -26.84 -1.85 1.10
N LYS A 125 -26.55 -1.80 2.39
CA LYS A 125 -27.53 -2.16 3.39
C LYS A 125 -27.39 -1.29 4.63
N GLY A 126 -28.51 -0.74 5.09
CA GLY A 126 -28.54 0.01 6.33
C GLY A 126 -28.28 -0.94 7.49
N PRO A 127 -27.77 -0.40 8.61
CA PRO A 127 -27.45 -1.26 9.76
C PRO A 127 -28.64 -1.42 10.71
N SER A 128 -28.66 -2.50 11.47
CA SER A 128 -29.59 -2.60 12.58
C SER A 128 -28.89 -2.02 13.80
N VAL A 129 -29.64 -1.38 14.69
CA VAL A 129 -29.06 -0.82 15.90
C VAL A 129 -29.61 -1.44 17.18
N PHE A 130 -28.75 -2.19 17.88
CA PHE A 130 -29.14 -2.87 19.11
C PHE A 130 -28.49 -2.26 20.34
N PRO A 131 -29.29 -2.02 21.39
CA PRO A 131 -28.77 -1.44 22.63
C PRO A 131 -27.85 -2.42 23.35
N LEU A 132 -26.83 -1.92 24.04
CA LEU A 132 -26.03 -2.71 24.95
C LEU A 132 -26.45 -2.29 26.34
N ALA A 133 -27.40 -3.03 26.91
CA ALA A 133 -28.06 -2.58 28.14
C ALA A 133 -27.13 -2.57 29.34
N PRO A 134 -27.14 -1.46 30.11
CA PRO A 134 -26.41 -1.37 31.37
C PRO A 134 -27.12 -2.15 32.47
N SER A 135 -26.40 -3.05 33.14
CA SER A 135 -26.95 -3.79 34.27
C SER A 135 -25.86 -4.08 35.28
N SER A 136 -26.14 -4.96 36.24
CA SER A 136 -25.15 -5.33 37.24
C SER A 136 -23.90 -5.95 36.60
N LYS A 137 -24.10 -6.59 35.44
CA LYS A 137 -23.00 -7.22 34.70
C LYS A 137 -22.16 -6.22 33.93
N SER A 138 -22.60 -4.96 33.91
CA SER A 138 -21.80 -3.90 33.29
C SER A 138 -21.61 -2.70 34.22
N THR A 139 -21.40 -3.00 35.50
CA THR A 139 -21.27 -1.97 36.53
C THR A 139 -20.04 -2.18 37.43
N SER A 140 -19.09 -1.26 37.35
CA SER A 140 -17.91 -1.28 38.18
C SER A 140 -17.91 -0.06 39.09
N GLY A 141 -18.09 -0.26 40.39
CA GLY A 141 -18.21 0.84 41.32
C GLY A 141 -19.48 1.63 41.05
N GLY A 142 -19.33 2.93 40.83
CA GLY A 142 -20.46 3.79 40.50
C GLY A 142 -20.49 4.11 39.02
N THR A 143 -19.77 3.32 38.24
CA THR A 143 -19.66 3.54 36.80
C THR A 143 -20.42 2.49 35.98
N ALA A 144 -21.34 2.96 35.16
CA ALA A 144 -22.11 2.06 34.31
C ALA A 144 -21.67 2.22 32.86
N ALA A 145 -21.33 1.10 32.23
CA ALA A 145 -21.01 1.09 30.82
C ALA A 145 -22.26 0.69 30.03
N LEU A 146 -22.58 1.45 29.00
CA LEU A 146 -23.65 1.06 28.10
C LEU A 146 -23.25 1.38 26.67
N GLY A 147 -24.03 0.92 25.70
CA GLY A 147 -23.66 1.16 24.32
C GLY A 147 -24.62 0.74 23.25
N CYS A 148 -24.15 0.81 22.01
CA CYS A 148 -24.92 0.42 20.84
C CYS A 148 -24.11 -0.52 19.97
N LEU A 149 -24.78 -1.52 19.43
CA LEU A 149 -24.16 -2.43 18.48
C LEU A 149 -24.80 -2.13 17.13
N VAL A 150 -23.98 -1.67 16.18
CA VAL A 150 -24.44 -1.27 14.87
C VAL A 150 -24.04 -2.36 13.88
N LYS A 151 -24.99 -3.20 13.54
CA LYS A 151 -24.68 -4.48 12.90
C LYS A 151 -25.16 -4.58 11.46
N ASP A 152 -24.36 -5.24 10.64
CA ASP A 152 -24.78 -5.71 9.32
C ASP A 152 -25.07 -4.62 8.29
N TYR A 153 -24.09 -3.75 8.06
CA TYR A 153 -24.25 -2.69 7.07
C TYR A 153 -23.12 -2.69 6.07
N PHE A 154 -23.41 -2.19 4.88
CA PHE A 154 -22.43 -2.02 3.83
C PHE A 154 -22.86 -0.83 2.97
N PRO A 155 -21.91 0.00 2.58
CA PRO A 155 -20.51 -0.11 3.00
C PRO A 155 -20.17 0.89 4.10
N GLU A 156 -18.90 0.92 4.49
CA GLU A 156 -18.38 1.93 5.39
C GLU A 156 -18.52 3.32 4.78
N PRO A 157 -18.60 4.37 5.61
CA PRO A 157 -18.59 4.35 7.08
C PRO A 157 -19.97 4.60 7.67
N VAL A 158 -20.10 4.39 8.98
CA VAL A 158 -21.22 4.96 9.72
C VAL A 158 -20.66 6.01 10.65
N THR A 159 -21.51 6.94 11.08
CA THR A 159 -21.13 7.87 12.12
C THR A 159 -22.03 7.66 13.34
N VAL A 160 -21.42 7.61 14.52
CA VAL A 160 -22.17 7.42 15.75
C VAL A 160 -21.88 8.57 16.71
N SER A 161 -22.93 9.11 17.33
CA SER A 161 -22.76 10.10 18.38
C SER A 161 -23.68 9.79 19.55
N TRP A 162 -23.39 10.37 20.71
CA TRP A 162 -24.26 10.16 21.88
C TRP A 162 -24.95 11.46 22.29
N ASN A 163 -26.27 11.38 22.40
CA ASN A 163 -27.11 12.53 22.77
C ASN A 163 -26.86 13.74 21.88
N SER A 164 -26.78 13.50 20.58
CA SER A 164 -26.52 14.55 19.59
C SER A 164 -25.20 15.29 19.85
N GLY A 165 -24.16 14.53 20.17
CA GLY A 165 -22.84 15.11 20.35
C GLY A 165 -22.61 15.75 21.71
N ALA A 166 -23.69 15.97 22.46
CA ALA A 166 -23.61 16.61 23.77
C ALA A 166 -22.68 15.83 24.71
N LEU A 167 -22.72 14.51 24.61
CA LEU A 167 -21.88 13.64 25.43
C LEU A 167 -20.72 13.09 24.62
N THR A 168 -19.50 13.43 25.03
CA THR A 168 -18.30 12.96 24.34
C THR A 168 -17.31 12.35 25.33
N SER A 169 -17.41 12.76 26.58
CA SER A 169 -16.52 12.28 27.62
C SER A 169 -16.85 10.84 27.98
N GLY A 170 -15.83 10.01 28.09
CA GLY A 170 -16.00 8.61 28.44
C GLY A 170 -16.59 7.78 27.33
N VAL A 171 -16.48 8.25 26.09
CA VAL A 171 -17.03 7.54 24.95
C VAL A 171 -15.93 6.88 24.11
N HIS A 172 -16.16 5.64 23.68
CA HIS A 172 -15.27 4.97 22.74
C HIS A 172 -16.07 4.42 21.57
N THR A 173 -15.67 4.77 20.36
CA THR A 173 -16.26 4.17 19.17
C THR A 173 -15.20 3.30 18.50
N PHE A 174 -15.52 2.02 18.36
CA PHE A 174 -14.57 1.01 17.92
C PHE A 174 -14.51 0.85 16.41
N PRO A 175 -13.30 0.65 15.87
CA PRO A 175 -13.11 0.32 14.45
C PRO A 175 -14.03 -0.83 14.08
N ALA A 176 -14.68 -0.73 12.93
CA ALA A 176 -15.59 -1.76 12.48
C ALA A 176 -14.83 -3.04 12.16
N VAL A 177 -15.51 -4.19 12.26
CA VAL A 177 -14.94 -5.44 11.78
C VAL A 177 -15.73 -5.93 10.57
N LEU A 178 -15.03 -6.52 9.62
CA LEU A 178 -15.68 -7.08 8.44
C LEU A 178 -16.05 -8.53 8.69
N GLN A 179 -17.34 -8.82 8.65
CA GLN A 179 -17.83 -10.18 8.92
C GLN A 179 -17.74 -11.03 7.65
N SER A 180 -17.68 -12.34 7.80
CA SER A 180 -17.49 -13.23 6.66
C SER A 180 -18.67 -13.20 5.68
N SER A 181 -19.75 -12.56 6.11
CA SER A 181 -20.90 -12.31 5.24
C SER A 181 -20.68 -11.09 4.35
N GLY A 182 -19.56 -10.39 4.53
CA GLY A 182 -19.29 -9.19 3.76
C GLY A 182 -19.81 -7.91 4.37
N LEU A 183 -20.68 -8.03 5.38
CA LEU A 183 -21.23 -6.85 6.06
C LEU A 183 -20.35 -6.42 7.23
N TYR A 184 -20.43 -5.15 7.59
CA TYR A 184 -19.63 -4.63 8.69
C TYR A 184 -20.44 -4.59 9.98
N SER A 185 -19.72 -4.51 11.08
CA SER A 185 -20.34 -4.36 12.38
C SER A 185 -19.39 -3.60 13.29
N LEU A 186 -19.92 -2.63 14.02
CA LEU A 186 -19.11 -1.93 15.00
C LEU A 186 -19.92 -1.68 16.28
N SER A 187 -19.22 -1.28 17.33
CA SER A 187 -19.90 -0.96 18.58
C SER A 187 -19.44 0.38 19.12
N SER A 188 -20.31 1.03 19.88
CA SER A 188 -19.98 2.29 20.49
C SER A 188 -20.40 2.21 21.94
N VAL A 189 -19.50 2.53 22.86
CA VAL A 189 -19.80 2.41 24.28
C VAL A 189 -19.47 3.68 25.02
N VAL A 190 -20.07 3.85 26.19
CA VAL A 190 -19.80 5.02 27.02
C VAL A 190 -20.02 4.68 28.49
N THR A 191 -19.08 5.13 29.34
CA THR A 191 -19.16 4.87 30.78
C THR A 191 -19.77 6.06 31.49
N VAL A 192 -20.67 5.78 32.42
CA VAL A 192 -21.55 6.80 32.98
C VAL A 192 -21.85 6.54 34.47
N PRO A 193 -22.16 7.60 35.24
CA PRO A 193 -22.60 7.44 36.63
C PRO A 193 -23.93 6.70 36.72
N SER A 194 -23.95 5.59 37.46
CA SER A 194 -25.15 4.76 37.58
C SER A 194 -26.33 5.53 38.18
N SER A 195 -26.02 6.55 38.99
CA SER A 195 -27.03 7.38 39.64
C SER A 195 -27.74 8.32 38.67
N SER A 196 -27.71 8.00 37.38
CA SER A 196 -28.31 8.84 36.35
C SER A 196 -29.10 7.99 35.36
N LEU A 197 -29.06 6.68 35.54
CA LEU A 197 -29.78 5.75 34.67
C LEU A 197 -31.29 5.86 34.88
N GLY A 198 -31.70 6.29 36.08
CA GLY A 198 -33.11 6.50 36.36
C GLY A 198 -33.53 7.93 36.12
N THR A 199 -32.59 8.75 35.66
CA THR A 199 -32.85 10.16 35.42
C THR A 199 -32.48 10.57 34.00
N GLN A 200 -31.17 10.68 33.75
CA GLN A 200 -30.67 11.14 32.45
C GLN A 200 -31.00 10.16 31.33
N THR A 201 -31.26 10.71 30.15
CA THR A 201 -31.52 9.93 28.95
C THR A 201 -30.22 9.76 28.17
N TYR A 202 -30.00 8.57 27.60
CA TYR A 202 -28.82 8.31 26.78
C TYR A 202 -29.21 7.67 25.46
N ILE A 203 -28.88 8.34 24.37
CA ILE A 203 -29.26 7.91 23.03
C ILE A 203 -28.04 7.78 22.13
N CYS A 204 -27.95 6.69 21.37
CA CYS A 204 -26.94 6.63 20.32
C CYS A 204 -27.50 7.06 18.97
N ASN A 205 -26.85 8.04 18.36
CA ASN A 205 -27.29 8.57 17.07
C ASN A 205 -26.47 7.94 15.96
N VAL A 206 -27.13 7.14 15.13
CA VAL A 206 -26.44 6.41 14.08
C VAL A 206 -26.88 6.94 12.73
N ASN A 207 -25.90 7.20 11.87
CA ASN A 207 -26.21 7.65 10.52
C ASN A 207 -25.41 6.82 9.51
N HIS A 208 -26.13 6.17 8.62
CA HIS A 208 -25.51 5.45 7.53
C HIS A 208 -25.90 6.16 6.24
N LYS A 209 -25.09 7.14 5.87
CA LYS A 209 -25.33 7.95 4.67
C LYS A 209 -25.49 7.16 3.36
N PRO A 210 -24.64 6.14 3.11
CA PRO A 210 -24.79 5.39 1.85
C PRO A 210 -26.17 4.74 1.65
N SER A 211 -26.92 4.53 2.71
CA SER A 211 -28.24 3.90 2.57
C SER A 211 -29.37 4.79 3.03
N ASN A 212 -29.07 6.05 3.30
CA ASN A 212 -30.07 7.01 3.81
C ASN A 212 -30.70 6.52 5.12
N THR A 213 -29.87 6.00 6.00
CA THR A 213 -30.36 5.40 7.24
C THR A 213 -29.88 6.17 8.46
N LYS A 214 -30.81 6.79 9.18
CA LYS A 214 -30.45 7.34 10.48
C LYS A 214 -31.42 6.95 11.58
N VAL A 215 -30.86 6.59 12.74
CA VAL A 215 -31.63 6.00 13.82
C VAL A 215 -31.20 6.56 15.18
N ASP A 216 -32.19 6.90 16.01
CA ASP A 216 -31.92 7.28 17.39
C ASP A 216 -32.31 6.13 18.31
N LYS A 217 -31.32 5.53 18.95
CA LYS A 217 -31.54 4.38 19.81
C LYS A 217 -31.35 4.76 21.28
N LYS A 218 -32.44 4.74 22.04
CA LYS A 218 -32.34 4.94 23.48
C LYS A 218 -31.91 3.63 24.14
N VAL A 219 -30.93 3.71 25.03
CA VAL A 219 -30.48 2.53 25.75
C VAL A 219 -30.91 2.58 27.23
N GLU A 220 -31.79 1.66 27.62
CA GLU A 220 -32.36 1.65 28.97
C GLU A 220 -31.86 0.46 29.79
N PRO A 221 -31.69 0.64 31.11
CA PRO A 221 -31.16 -0.40 32.00
C PRO A 221 -31.92 -1.72 31.90
N GLU B 1 14.55 -9.36 -4.51
CA GLU B 1 13.93 -8.39 -3.62
C GLU B 1 14.91 -7.91 -2.55
N ILE B 2 14.89 -6.61 -2.28
CA ILE B 2 15.64 -6.08 -1.15
C ILE B 2 14.75 -6.19 0.08
N VAL B 3 15.12 -7.08 0.99
CA VAL B 3 14.32 -7.30 2.19
C VAL B 3 14.79 -6.36 3.29
N LEU B 4 13.88 -5.50 3.75
CA LEU B 4 14.18 -4.59 4.84
C LEU B 4 13.46 -5.01 6.13
N THR B 5 14.22 -5.31 7.17
CA THR B 5 13.65 -5.73 8.44
C THR B 5 13.80 -4.65 9.48
N GLN B 6 12.68 -4.03 9.88
CA GLN B 6 12.71 -2.99 10.90
C GLN B 6 12.69 -3.58 12.33
N SER B 7 13.09 -2.76 13.30
CA SER B 7 13.18 -3.18 14.70
C SER B 7 12.99 -1.98 15.62
N PRO B 8 12.18 -2.16 16.68
CA PRO B 8 11.39 -3.36 16.96
C PRO B 8 9.99 -3.23 16.39
N ALA B 9 9.13 -4.19 16.65
CA ALA B 9 7.76 -4.13 16.16
C ALA B 9 7.04 -2.96 16.82
N THR B 10 7.14 -2.90 18.14
CA THR B 10 6.55 -1.82 18.91
C THR B 10 7.62 -1.21 19.82
N LEU B 11 7.57 0.10 19.98
CA LEU B 11 8.53 0.81 20.80
C LEU B 11 7.72 1.64 21.78
N SER B 12 7.88 1.37 23.07
CA SER B 12 7.05 2.04 24.06
C SER B 12 7.89 2.99 24.91
N LEU B 13 7.70 4.29 24.69
CA LEU B 13 8.50 5.31 25.37
C LEU B 13 7.63 6.45 25.88
N SER B 14 8.23 7.34 26.67
CA SER B 14 7.51 8.48 27.22
C SER B 14 7.95 9.79 26.58
N PRO B 15 7.02 10.76 26.48
CA PRO B 15 7.29 12.10 25.93
C PRO B 15 8.50 12.78 26.56
N GLY B 16 9.64 12.72 25.87
CA GLY B 16 10.86 13.33 26.35
C GLY B 16 12.07 12.43 26.18
N GLU B 17 11.81 11.15 25.95
CA GLU B 17 12.88 10.17 25.81
C GLU B 17 13.46 10.15 24.41
N ARG B 18 14.49 9.34 24.22
CA ARG B 18 15.13 9.19 22.92
C ARG B 18 14.69 7.90 22.23
N ALA B 19 14.05 8.06 21.07
CA ALA B 19 13.62 6.90 20.32
C ALA B 19 14.70 6.48 19.33
N THR B 20 14.86 5.17 19.16
CA THR B 20 15.83 4.66 18.20
C THR B 20 15.24 3.51 17.39
N LEU B 21 14.93 3.78 16.13
CA LEU B 21 14.41 2.77 15.22
C LEU B 21 15.53 2.28 14.30
N SER B 22 15.50 1.01 13.94
CA SER B 22 16.50 0.49 13.04
C SER B 22 15.90 -0.21 11.82
N CYS B 23 16.70 -0.32 10.77
CA CYS B 23 16.28 -0.89 9.50
C CYS B 23 17.50 -1.60 8.92
N ARG B 24 17.39 -2.90 8.72
CA ARG B 24 18.49 -3.65 8.11
C ARG B 24 18.13 -4.01 6.67
N ALA B 25 19.06 -3.74 5.75
CA ALA B 25 18.82 -3.99 4.33
C ALA B 25 19.59 -5.22 3.87
N SER B 26 18.89 -6.16 3.22
CA SER B 26 19.51 -7.43 2.83
C SER B 26 20.51 -7.30 1.70
N GLN B 27 21.16 -6.14 1.61
CA GLN B 27 22.15 -5.93 0.57
C GLN B 27 23.32 -5.12 1.10
N SER B 28 23.67 -4.06 0.37
CA SER B 28 24.82 -3.26 0.74
C SER B 28 24.69 -1.85 0.20
N VAL B 29 23.63 -1.61 -0.56
CA VAL B 29 23.37 -0.27 -1.07
C VAL B 29 23.19 0.67 0.12
N SER B 30 24.27 1.35 0.51
CA SER B 30 24.27 2.16 1.71
C SER B 30 24.55 3.63 1.44
N SER B 31 23.56 4.32 0.90
CA SER B 31 23.59 5.77 0.79
C SER B 31 22.19 6.26 0.47
N TYR B 32 21.30 5.29 0.24
CA TYR B 32 19.94 5.58 -0.14
C TYR B 32 18.97 4.85 0.75
N LEU B 33 18.23 5.63 1.55
CA LEU B 33 17.15 5.08 2.33
C LEU B 33 16.25 6.25 2.68
N ALA B 34 14.97 5.96 2.88
CA ALA B 34 14.01 6.96 3.32
C ALA B 34 13.26 6.50 4.58
N TRP B 35 12.89 7.44 5.44
CA TRP B 35 12.05 7.13 6.60
C TRP B 35 10.74 7.91 6.51
N TYR B 36 9.63 7.23 6.70
CA TYR B 36 8.35 7.92 6.73
C TYR B 36 7.70 7.79 8.09
N GLN B 37 6.78 8.72 8.37
CA GLN B 37 5.92 8.67 9.53
C GLN B 37 4.48 8.64 9.02
N GLN B 38 3.67 7.75 9.59
CA GLN B 38 2.26 7.68 9.22
C GLN B 38 1.30 7.62 10.41
N LYS B 39 0.27 8.46 10.35
CA LYS B 39 -0.79 8.48 11.36
C LYS B 39 -2.09 8.00 10.73
N PRO B 40 -3.02 7.47 11.55
CA PRO B 40 -4.27 6.90 11.06
C PRO B 40 -5.05 7.81 10.11
N GLY B 41 -5.53 7.23 9.01
CA GLY B 41 -6.33 7.96 8.04
C GLY B 41 -5.56 9.02 7.28
N GLN B 42 -4.23 9.03 7.43
CA GLN B 42 -3.41 10.03 6.77
C GLN B 42 -2.38 9.41 5.84
N ALA B 43 -1.97 10.18 4.83
CA ALA B 43 -0.89 9.77 3.94
C ALA B 43 0.40 9.67 4.75
N PRO B 44 1.36 8.88 4.26
CA PRO B 44 2.69 8.87 4.90
C PRO B 44 3.36 10.22 4.72
N ARG B 45 4.22 10.62 5.65
CA ARG B 45 5.03 11.82 5.43
C ARG B 45 6.52 11.52 5.49
N LEU B 46 7.25 12.03 4.49
CA LEU B 46 8.70 11.85 4.44
C LEU B 46 9.38 12.57 5.60
N LEU B 47 10.34 11.91 6.23
CA LEU B 47 11.07 12.48 7.35
C LEU B 47 12.54 12.59 7.02
N ILE B 48 13.09 11.52 6.47
CA ILE B 48 14.51 11.44 6.17
C ILE B 48 14.71 10.86 4.78
N TYR B 49 15.64 11.42 4.02
CA TYR B 49 16.03 10.84 2.74
C TYR B 49 17.55 10.76 2.69
N ASP B 50 18.07 9.94 1.79
CA ASP B 50 19.52 9.69 1.71
C ASP B 50 20.10 9.30 3.08
N ALA B 51 19.35 8.47 3.81
CA ALA B 51 19.75 7.96 5.11
C ALA B 51 19.81 8.99 6.25
N SER B 52 20.20 10.22 5.94
CA SER B 52 20.49 11.17 7.01
C SER B 52 20.15 12.64 6.73
N ASN B 53 19.21 12.92 5.84
CA ASN B 53 18.84 14.31 5.58
C ASN B 53 17.37 14.61 5.89
N ARG B 54 17.12 15.68 6.64
CA ARG B 54 15.76 16.06 6.97
C ARG B 54 14.96 16.51 5.75
N ALA B 55 13.69 16.10 5.69
CA ALA B 55 12.82 16.53 4.60
C ALA B 55 12.16 17.87 4.94
N THR B 56 11.14 18.23 4.17
CA THR B 56 10.50 19.53 4.34
C THR B 56 9.73 19.66 5.65
N GLY B 57 9.99 20.74 6.38
CA GLY B 57 9.28 21.06 7.61
C GLY B 57 9.54 20.10 8.76
N ILE B 58 10.68 19.42 8.72
CA ILE B 58 11.02 18.41 9.73
C ILE B 58 11.92 18.99 10.81
N PRO B 59 11.43 19.04 12.06
CA PRO B 59 12.17 19.67 13.17
C PRO B 59 13.51 18.96 13.43
N ALA B 60 14.42 19.62 14.12
CA ALA B 60 15.79 19.12 14.26
C ALA B 60 15.95 17.93 15.19
N ARG B 61 14.88 17.54 15.89
CA ARG B 61 14.96 16.40 16.79
C ARG B 61 15.01 15.06 16.04
N PHE B 62 14.57 15.09 14.78
CA PHE B 62 14.62 13.92 13.91
C PHE B 62 15.99 13.84 13.22
N SER B 63 16.58 12.65 13.19
CA SER B 63 17.83 12.44 12.46
C SER B 63 17.97 10.98 12.02
N GLY B 64 18.93 10.73 11.14
CA GLY B 64 19.13 9.38 10.63
C GLY B 64 20.59 9.12 10.36
N SER B 65 20.97 7.83 10.32
CA SER B 65 22.36 7.45 10.09
C SER B 65 22.45 6.06 9.50
N GLY B 66 23.49 5.80 8.72
CA GLY B 66 23.60 4.57 7.96
C GLY B 66 24.87 3.78 8.16
N SER B 67 24.75 2.66 8.86
CA SER B 67 25.89 1.80 9.15
C SER B 67 25.98 0.64 8.15
N GLY B 68 26.08 0.97 6.87
CA GLY B 68 26.20 -0.04 5.84
C GLY B 68 24.90 -0.79 5.55
N THR B 69 24.80 -2.00 6.05
CA THR B 69 23.55 -2.76 5.99
C THR B 69 22.54 -2.13 6.94
N ASP B 70 23.03 -1.61 8.07
CA ASP B 70 22.17 -1.07 9.11
C ASP B 70 21.93 0.43 9.01
N PHE B 71 20.71 0.85 9.28
CA PHE B 71 20.35 2.25 9.26
C PHE B 71 19.52 2.53 10.49
N THR B 72 19.61 3.74 11.02
CA THR B 72 18.81 4.06 12.19
C THR B 72 18.18 5.46 12.13
N LEU B 73 16.95 5.57 12.61
CA LEU B 73 16.26 6.84 12.75
C LEU B 73 16.16 7.18 14.22
N THR B 74 16.61 8.37 14.57
CA THR B 74 16.69 8.79 15.96
C THR B 74 15.81 10.00 16.25
N ILE B 75 14.96 9.87 17.26
CA ILE B 75 14.09 10.98 17.68
C ILE B 75 14.45 11.43 19.09
N SER B 76 15.26 12.48 19.19
CA SER B 76 15.60 13.06 20.47
C SER B 76 14.36 13.75 21.06
N SER B 77 14.22 13.69 22.37
CA SER B 77 13.09 14.31 23.08
C SER B 77 11.73 14.18 22.39
N LEU B 78 11.12 13.00 22.49
CA LEU B 78 9.83 12.73 21.84
C LEU B 78 8.71 13.69 22.28
N GLU B 79 8.00 14.23 21.30
CA GLU B 79 6.81 15.05 21.54
C GLU B 79 5.60 14.16 21.31
N PRO B 80 4.44 14.51 21.89
CA PRO B 80 3.27 13.64 21.72
C PRO B 80 2.78 13.51 20.28
N GLU B 81 3.19 14.43 19.42
CA GLU B 81 2.84 14.34 18.00
C GLU B 81 3.71 13.30 17.28
N ASP B 82 4.84 12.93 17.89
CA ASP B 82 5.77 11.99 17.29
C ASP B 82 5.32 10.53 17.39
N PHE B 83 4.25 10.26 18.13
CA PHE B 83 3.82 8.89 18.32
C PHE B 83 2.94 8.42 17.16
N ALA B 84 3.51 7.52 16.34
CA ALA B 84 2.85 7.02 15.15
C ALA B 84 3.56 5.78 14.62
N VAL B 85 3.17 5.33 13.43
CA VAL B 85 3.87 4.26 12.72
C VAL B 85 5.03 4.84 11.88
N TYR B 86 6.13 4.10 11.75
CA TYR B 86 7.27 4.52 10.95
C TYR B 86 7.78 3.43 10.01
N TYR B 87 7.76 3.72 8.70
CA TYR B 87 8.27 2.81 7.69
C TYR B 87 9.61 3.30 7.11
N CYS B 88 10.47 2.36 6.72
CA CYS B 88 11.69 2.71 6.01
C CYS B 88 11.61 2.22 4.56
N GLN B 89 12.27 2.94 3.65
CA GLN B 89 12.15 2.64 2.21
C GLN B 89 13.50 2.68 1.50
N GLN B 90 13.66 1.79 0.52
CA GLN B 90 14.84 1.77 -0.33
C GLN B 90 14.41 1.26 -1.70
N TYR B 91 14.52 2.12 -2.71
CA TYR B 91 13.91 1.86 -4.02
C TYR B 91 12.41 1.58 -3.86
N GLU B 92 11.91 0.54 -4.51
CA GLU B 92 10.47 0.28 -4.43
C GLU B 92 10.05 -0.60 -3.24
N PHE B 93 10.99 -0.89 -2.35
CA PHE B 93 10.68 -1.74 -1.19
C PHE B 93 10.55 -0.95 0.11
N PHE B 94 9.55 -1.31 0.90
CA PHE B 94 9.32 -0.70 2.20
C PHE B 94 9.54 -1.70 3.32
N GLY B 95 9.70 -1.21 4.54
CA GLY B 95 9.76 -2.10 5.68
C GLY B 95 8.36 -2.42 6.17
N GLN B 96 8.26 -3.30 7.17
CA GLN B 96 6.94 -3.71 7.65
C GLN B 96 6.37 -2.71 8.64
N GLY B 97 7.22 -1.77 9.07
CA GLY B 97 6.77 -0.73 9.97
C GLY B 97 7.11 -0.98 11.43
N THR B 98 7.26 0.11 12.17
CA THR B 98 7.46 0.06 13.60
C THR B 98 6.49 1.06 14.21
N LYS B 99 5.78 0.62 15.23
CA LYS B 99 4.83 1.50 15.91
C LYS B 99 5.44 2.08 17.18
N LEU B 100 5.32 3.38 17.34
CA LEU B 100 5.87 4.06 18.51
C LEU B 100 4.76 4.66 19.39
N GLU B 101 4.47 4.00 20.50
CA GLU B 101 3.39 4.41 21.41
C GLU B 101 3.88 4.93 22.75
N ILE B 102 2.98 5.58 23.49
CA ILE B 102 3.27 6.06 24.84
C ILE B 102 3.40 4.91 25.82
N LYS B 103 4.53 4.85 26.51
CA LYS B 103 4.76 3.88 27.58
C LYS B 103 4.12 4.40 28.86
N ARG B 104 3.32 3.55 29.49
CA ARG B 104 2.45 3.98 30.58
C ARG B 104 2.57 3.04 31.76
N SER B 105 2.12 3.50 32.93
CA SER B 105 2.00 2.62 34.08
C SER B 105 0.89 1.61 33.81
N THR B 106 1.10 0.37 34.22
CA THR B 106 0.19 -0.72 33.91
C THR B 106 -1.16 -0.59 34.62
N VAL B 107 -2.24 -0.68 33.87
CA VAL B 107 -3.58 -0.71 34.43
C VAL B 107 -4.34 -1.90 33.88
N ALA B 108 -4.97 -2.64 34.77
CA ALA B 108 -5.86 -3.73 34.39
C ALA B 108 -7.12 -3.14 33.80
N PRO B 109 -7.73 -3.84 32.83
CA PRO B 109 -8.96 -3.32 32.21
C PRO B 109 -10.16 -3.43 33.15
N SER B 110 -11.19 -2.62 32.92
CA SER B 110 -12.49 -2.87 33.50
C SER B 110 -13.22 -3.79 32.54
N VAL B 111 -13.90 -4.80 33.06
CA VAL B 111 -14.57 -5.77 32.19
C VAL B 111 -16.09 -5.66 32.29
N PHE B 112 -16.74 -5.70 31.14
CA PHE B 112 -18.19 -5.67 31.09
C PHE B 112 -18.68 -6.64 30.03
N ILE B 113 -19.78 -7.32 30.32
CA ILE B 113 -20.40 -8.21 29.37
C ILE B 113 -21.80 -7.67 29.09
N PHE B 114 -22.32 -7.97 27.91
CA PHE B 114 -23.63 -7.48 27.51
C PHE B 114 -24.38 -8.61 26.83
N PRO B 115 -25.58 -8.92 27.35
CA PRO B 115 -26.40 -9.98 26.76
C PRO B 115 -27.08 -9.47 25.51
N PRO B 116 -27.52 -10.37 24.62
CA PRO B 116 -28.24 -9.93 23.42
C PRO B 116 -29.54 -9.24 23.80
N SER B 117 -30.02 -8.35 22.94
CA SER B 117 -31.28 -7.66 23.20
C SER B 117 -32.42 -8.40 22.52
N ASP B 118 -33.64 -8.22 23.01
CA ASP B 118 -34.81 -8.89 22.45
C ASP B 118 -35.05 -8.53 21.00
N GLU B 119 -34.59 -7.34 20.60
CA GLU B 119 -34.71 -6.91 19.22
C GLU B 119 -33.90 -7.82 18.30
N GLN B 120 -32.64 -8.05 18.65
CA GLN B 120 -31.79 -8.89 17.82
C GLN B 120 -32.28 -10.34 17.80
N LEU B 121 -32.63 -10.84 18.98
CA LEU B 121 -33.09 -12.22 19.13
C LEU B 121 -34.26 -12.52 18.19
N LYS B 122 -35.21 -11.59 18.10
CA LYS B 122 -36.34 -11.75 17.20
C LYS B 122 -35.89 -11.93 15.76
N SER B 123 -34.83 -11.21 15.38
CA SER B 123 -34.27 -11.32 14.03
C SER B 123 -33.74 -12.72 13.72
N GLY B 124 -33.39 -13.47 14.76
CA GLY B 124 -32.91 -14.83 14.57
C GLY B 124 -31.42 -15.04 14.79
N THR B 125 -30.77 -14.06 15.41
CA THR B 125 -29.35 -14.17 15.79
C THR B 125 -29.11 -13.51 17.15
N ALA B 126 -28.01 -13.87 17.80
CA ALA B 126 -27.69 -13.33 19.12
C ALA B 126 -26.22 -12.97 19.26
N SER B 127 -25.97 -11.73 19.69
CA SER B 127 -24.60 -11.25 19.86
C SER B 127 -24.31 -10.88 21.30
N VAL B 128 -23.20 -11.37 21.82
CA VAL B 128 -22.78 -11.03 23.18
C VAL B 128 -21.50 -10.22 23.10
N VAL B 129 -21.46 -9.10 23.81
CA VAL B 129 -20.32 -8.20 23.75
C VAL B 129 -19.55 -8.17 25.06
N CYS B 130 -18.23 -8.30 24.97
CA CYS B 130 -17.34 -8.12 26.10
C CYS B 130 -16.49 -6.86 25.91
N LEU B 131 -16.71 -5.86 26.77
CA LEU B 131 -15.92 -4.63 26.72
C LEU B 131 -14.73 -4.67 27.69
N LEU B 132 -13.55 -4.42 27.17
CA LEU B 132 -12.38 -4.19 28.00
C LEU B 132 -12.07 -2.70 27.94
N ASN B 133 -12.51 -1.97 28.96
CA ASN B 133 -12.42 -0.53 28.96
C ASN B 133 -11.15 0.00 29.64
N ASN B 134 -10.41 0.83 28.92
CA ASN B 134 -9.28 1.58 29.48
C ASN B 134 -8.14 0.78 30.14
N PHE B 135 -7.37 0.06 29.35
CA PHE B 135 -6.23 -0.70 29.87
C PHE B 135 -4.91 -0.41 29.15
N TYR B 136 -3.81 -0.69 29.85
CA TYR B 136 -2.47 -0.67 29.28
C TYR B 136 -1.61 -1.67 30.07
N PRO B 137 -0.75 -2.43 29.39
CA PRO B 137 -0.39 -2.42 27.96
C PRO B 137 -1.45 -3.03 27.03
N ARG B 138 -1.21 -2.91 25.73
CA ARG B 138 -2.17 -3.36 24.72
C ARG B 138 -2.35 -4.88 24.65
N GLU B 139 -1.28 -5.63 24.90
CA GLU B 139 -1.36 -7.09 24.92
C GLU B 139 -2.48 -7.57 25.84
N ALA B 140 -3.38 -8.38 25.30
CA ALA B 140 -4.60 -8.74 26.00
C ALA B 140 -5.23 -9.94 25.32
N LYS B 141 -5.73 -10.88 26.12
CA LYS B 141 -6.36 -12.08 25.59
C LYS B 141 -7.77 -12.24 26.11
N VAL B 142 -8.72 -12.35 25.18
CA VAL B 142 -10.13 -12.57 25.51
C VAL B 142 -10.55 -13.94 25.05
N GLN B 143 -11.11 -14.73 25.96
CA GLN B 143 -11.62 -16.04 25.59
C GLN B 143 -13.10 -16.15 25.90
N TRP B 144 -13.85 -16.71 24.95
CA TRP B 144 -15.28 -16.90 25.11
C TRP B 144 -15.59 -18.34 25.47
N LYS B 145 -16.39 -18.52 26.52
CA LYS B 145 -16.83 -19.85 26.93
C LYS B 145 -18.36 -19.93 27.04
N VAL B 146 -18.91 -20.98 26.47
CA VAL B 146 -20.34 -21.22 26.55
C VAL B 146 -20.56 -22.62 27.14
N ASP B 147 -21.16 -22.68 28.33
CA ASP B 147 -21.22 -23.91 29.11
C ASP B 147 -19.85 -24.55 29.20
N ASN B 148 -18.86 -23.70 29.52
CA ASN B 148 -17.48 -24.15 29.73
C ASN B 148 -16.80 -24.67 28.47
N ALA B 149 -17.43 -24.43 27.32
CA ALA B 149 -16.84 -24.78 26.03
C ALA B 149 -16.10 -23.58 25.42
N LEU B 150 -14.82 -23.76 25.15
CA LEU B 150 -14.02 -22.74 24.50
C LEU B 150 -14.57 -22.52 23.09
N GLN B 151 -14.96 -21.28 22.79
CA GLN B 151 -15.43 -20.93 21.46
C GLN B 151 -14.26 -20.49 20.60
N SER B 152 -14.27 -20.86 19.33
CA SER B 152 -13.26 -20.37 18.40
C SER B 152 -13.87 -20.17 17.02
N GLY B 153 -13.68 -18.97 16.46
CA GLY B 153 -14.10 -18.70 15.11
C GLY B 153 -15.42 -17.95 14.99
N ASN B 154 -16.18 -17.90 16.07
CA ASN B 154 -17.45 -17.16 16.04
C ASN B 154 -17.39 -15.84 16.79
N SER B 155 -16.20 -15.25 16.89
CA SER B 155 -16.02 -13.99 17.58
C SER B 155 -15.01 -13.09 16.88
N GLN B 156 -15.27 -11.79 16.88
CA GLN B 156 -14.33 -10.83 16.35
C GLN B 156 -14.11 -9.70 17.36
N GLU B 157 -12.91 -9.14 17.37
CA GLU B 157 -12.61 -8.04 18.27
C GLU B 157 -12.02 -6.83 17.56
N SER B 158 -12.06 -5.70 18.24
CA SER B 158 -11.52 -4.47 17.68
C SER B 158 -10.98 -3.58 18.80
N VAL B 159 -9.82 -2.97 18.56
CA VAL B 159 -9.14 -2.18 19.58
C VAL B 159 -9.06 -0.72 19.13
N THR B 160 -9.20 0.19 20.09
CA THR B 160 -9.11 1.60 19.81
C THR B 160 -7.66 2.03 19.67
N GLU B 161 -7.45 3.21 19.13
CA GLU B 161 -6.13 3.82 19.14
C GLU B 161 -5.88 4.31 20.54
N GLN B 162 -4.60 4.31 20.95
CA GLN B 162 -4.20 4.80 22.26
C GLN B 162 -4.85 6.14 22.58
N ASP B 163 -5.56 6.20 23.70
CA ASP B 163 -6.35 7.39 24.04
C ASP B 163 -5.48 8.61 24.38
N SER B 164 -5.92 9.79 23.95
CA SER B 164 -5.12 11.00 24.05
C SER B 164 -5.06 11.59 25.45
N LYS B 165 -6.06 11.28 26.27
CA LYS B 165 -6.07 11.72 27.67
C LYS B 165 -5.17 10.86 28.56
N ASP B 166 -5.46 9.55 28.61
CA ASP B 166 -4.82 8.66 29.58
C ASP B 166 -3.82 7.66 29.01
N SER B 167 -3.52 7.76 27.71
CA SER B 167 -2.56 6.88 27.03
C SER B 167 -2.92 5.39 27.16
N THR B 168 -4.20 5.09 27.05
CA THR B 168 -4.69 3.77 27.36
C THR B 168 -5.47 3.20 26.18
N TYR B 169 -5.64 1.88 26.13
CA TYR B 169 -6.39 1.23 25.07
C TYR B 169 -7.74 0.71 25.57
N SER B 170 -8.60 0.33 24.63
CA SER B 170 -9.86 -0.34 24.95
C SER B 170 -10.21 -1.32 23.83
N LEU B 171 -10.75 -2.48 24.22
CA LEU B 171 -11.09 -3.54 23.27
C LEU B 171 -12.56 -3.92 23.35
N SER B 172 -13.15 -4.22 22.20
CA SER B 172 -14.51 -4.72 22.12
C SER B 172 -14.55 -6.05 21.38
N SER B 173 -15.04 -7.09 22.04
CA SER B 173 -15.15 -8.42 21.44
C SER B 173 -16.62 -8.78 21.27
N THR B 174 -16.95 -9.45 20.16
CA THR B 174 -18.34 -9.79 19.89
C THR B 174 -18.48 -11.27 19.55
N LEU B 175 -19.26 -11.96 20.36
CA LEU B 175 -19.57 -13.36 20.12
C LEU B 175 -20.96 -13.44 19.49
N THR B 176 -21.05 -14.07 18.32
CA THR B 176 -22.34 -14.17 17.62
C THR B 176 -22.79 -15.60 17.38
N LEU B 177 -24.01 -15.89 17.80
CA LEU B 177 -24.63 -17.20 17.63
C LEU B 177 -25.99 -17.04 16.97
N SER B 178 -26.50 -18.12 16.39
CA SER B 178 -27.89 -18.14 15.95
C SER B 178 -28.76 -18.23 17.20
N LYS B 179 -29.98 -17.71 17.12
CA LYS B 179 -30.92 -17.77 18.24
C LYS B 179 -31.13 -19.22 18.71
N ALA B 180 -31.25 -20.12 17.74
CA ALA B 180 -31.42 -21.54 18.03
C ALA B 180 -30.33 -22.05 18.96
N ASP B 181 -29.08 -21.93 18.53
CA ASP B 181 -27.96 -22.41 19.33
C ASP B 181 -27.82 -21.63 20.64
N TYR B 182 -28.20 -20.36 20.63
CA TYR B 182 -28.12 -19.52 21.82
C TYR B 182 -29.08 -20.00 22.92
N GLU B 183 -30.16 -20.65 22.51
CA GLU B 183 -31.15 -21.16 23.45
C GLU B 183 -30.85 -22.59 23.87
N LYS B 184 -29.81 -23.18 23.29
CA LYS B 184 -29.38 -24.52 23.68
C LYS B 184 -28.37 -24.52 24.83
N HIS B 185 -27.91 -23.32 25.20
CA HIS B 185 -26.96 -23.20 26.30
C HIS B 185 -27.39 -22.17 27.31
N LYS B 186 -26.65 -22.08 28.41
CA LYS B 186 -27.10 -21.29 29.55
C LYS B 186 -26.07 -20.30 30.08
N VAL B 187 -24.84 -20.76 30.28
CA VAL B 187 -23.79 -19.90 30.82
C VAL B 187 -22.91 -19.32 29.73
N TYR B 188 -22.84 -17.99 29.65
CA TYR B 188 -22.00 -17.30 28.68
C TYR B 188 -20.95 -16.44 29.39
N ALA B 189 -19.68 -16.83 29.25
CA ALA B 189 -18.61 -16.18 29.99
C ALA B 189 -17.52 -15.64 29.08
N CYS B 190 -17.00 -14.48 29.44
CA CYS B 190 -15.85 -13.85 28.77
C CYS B 190 -14.66 -13.83 29.73
N GLU B 191 -13.56 -14.45 29.32
CA GLU B 191 -12.38 -14.57 30.20
C GLU B 191 -11.18 -13.74 29.72
N VAL B 192 -10.71 -12.86 30.59
CA VAL B 192 -9.70 -11.87 30.22
C VAL B 192 -8.38 -12.01 30.98
N THR B 193 -7.29 -12.20 30.23
CA THR B 193 -5.95 -12.23 30.82
C THR B 193 -5.14 -11.02 30.35
N HIS B 194 -4.28 -10.50 31.22
CA HIS B 194 -3.54 -9.28 30.92
C HIS B 194 -2.15 -9.30 31.57
N GLN B 195 -1.85 -8.28 32.37
CA GLN B 195 -0.62 -8.26 33.16
C GLN B 195 -0.83 -7.33 34.35
N GLY B 196 -1.99 -6.68 34.38
CA GLY B 196 -2.42 -5.93 35.53
C GLY B 196 -3.28 -6.84 36.39
N LEU B 197 -3.48 -8.07 35.91
CA LEU B 197 -4.29 -9.06 36.60
C LEU B 197 -3.44 -10.24 37.05
N SER B 198 -3.32 -10.43 38.36
CA SER B 198 -2.55 -11.54 38.92
C SER B 198 -3.17 -12.88 38.49
N SER B 199 -4.47 -12.87 38.23
CA SER B 199 -5.16 -14.06 37.76
C SER B 199 -6.18 -13.65 36.72
N PRO B 200 -6.44 -14.54 35.75
CA PRO B 200 -7.45 -14.33 34.71
C PRO B 200 -8.79 -13.96 35.32
N VAL B 201 -9.51 -13.06 34.66
CA VAL B 201 -10.77 -12.56 35.18
C VAL B 201 -11.89 -12.94 34.22
N THR B 202 -13.00 -13.46 34.76
CA THR B 202 -14.12 -13.93 33.96
C THR B 202 -15.41 -13.21 34.35
N LYS B 203 -16.05 -12.57 33.37
CA LYS B 203 -17.39 -12.01 33.55
C LYS B 203 -18.39 -12.90 32.81
N SER B 204 -19.49 -13.24 33.47
CA SER B 204 -20.46 -14.16 32.89
C SER B 204 -21.89 -13.75 33.20
N PHE B 205 -22.82 -14.43 32.55
CA PHE B 205 -24.22 -14.33 32.88
C PHE B 205 -24.93 -15.61 32.48
N ASN B 206 -26.10 -15.84 33.07
CA ASN B 206 -26.95 -16.95 32.68
C ASN B 206 -28.12 -16.47 31.85
N ARG B 207 -28.38 -17.18 30.76
CA ARG B 207 -29.51 -16.86 29.89
C ARG B 207 -30.81 -17.04 30.66
N GLY B 208 -31.52 -15.94 30.89
CA GLY B 208 -32.75 -15.96 31.64
C GLY B 208 -32.79 -14.91 32.74
N ASP C 1 17.05 -18.06 -41.11
CA ASP C 1 15.76 -17.41 -40.94
C ASP C 1 15.93 -15.92 -40.66
N THR C 2 14.88 -15.15 -40.88
CA THR C 2 14.99 -13.71 -40.82
C THR C 2 13.97 -13.09 -39.87
N ILE C 3 14.43 -12.15 -39.05
CA ILE C 3 13.55 -11.34 -38.22
C ILE C 3 13.19 -10.08 -38.98
N THR C 4 11.92 -9.70 -38.95
CA THR C 4 11.51 -8.48 -39.63
C THR C 4 10.86 -7.47 -38.67
N LEU C 5 11.01 -6.18 -39.01
CA LEU C 5 10.33 -5.11 -38.29
C LEU C 5 9.49 -4.30 -39.26
N PRO C 6 8.16 -4.38 -39.14
CA PRO C 6 7.32 -3.52 -39.98
C PRO C 6 7.59 -2.07 -39.62
N CYS C 7 7.53 -1.17 -40.61
CA CYS C 7 7.88 0.23 -40.40
C CYS C 7 6.97 1.17 -41.15
N ARG C 8 6.68 2.31 -40.53
CA ARG C 8 5.94 3.38 -41.18
C ARG C 8 6.63 4.70 -40.87
N PRO C 9 6.96 5.48 -41.92
CA PRO C 9 6.87 5.15 -43.36
C PRO C 9 7.87 4.06 -43.75
N ALA C 10 7.90 3.72 -45.04
CA ALA C 10 8.78 2.65 -45.49
C ALA C 10 10.22 3.17 -45.63
N PRO C 11 11.14 2.62 -44.83
CA PRO C 11 12.53 3.07 -44.87
C PRO C 11 13.22 2.66 -46.16
N PRO C 12 13.94 3.61 -46.79
CA PRO C 12 14.69 3.33 -48.03
C PRO C 12 15.85 2.41 -47.73
N PRO C 13 16.43 1.78 -48.76
CA PRO C 13 17.53 0.84 -48.49
C PRO C 13 18.78 1.54 -47.95
N HIS C 14 18.96 2.80 -48.31
CA HIS C 14 20.13 3.54 -47.83
C HIS C 14 20.01 3.94 -46.36
N CYS C 15 18.86 3.63 -45.77
CA CYS C 15 18.66 3.88 -44.34
C CYS C 15 18.98 2.63 -43.53
N SER C 16 19.57 1.65 -44.20
CA SER C 16 20.07 0.45 -43.53
C SER C 16 21.16 0.87 -42.58
N SER C 17 21.34 0.12 -41.49
CA SER C 17 22.34 0.51 -40.51
C SER C 17 22.92 -0.70 -39.81
N ASN C 18 23.88 -0.45 -38.92
CA ASN C 18 24.34 -1.48 -38.02
C ASN C 18 23.89 -1.17 -36.61
N ILE C 19 23.12 -2.09 -36.04
CA ILE C 19 22.75 -2.01 -34.65
C ILE C 19 24.02 -2.22 -33.82
N THR C 20 24.39 -1.22 -33.04
CA THR C 20 25.61 -1.31 -32.25
C THR C 20 25.35 -1.34 -30.76
N GLY C 21 24.08 -1.38 -30.38
CA GLY C 21 23.72 -1.38 -28.97
C GLY C 21 22.23 -1.16 -28.79
N LEU C 22 21.80 -1.15 -27.53
CA LEU C 22 20.39 -0.96 -27.21
C LEU C 22 20.23 -0.53 -25.76
N ILE C 23 19.03 -0.07 -25.39
CA ILE C 23 18.78 0.39 -24.03
C ILE C 23 17.53 -0.30 -23.45
N LEU C 24 17.60 -0.73 -22.18
CA LEU C 24 16.45 -1.44 -21.61
C LEU C 24 16.06 -1.06 -20.18
N THR C 25 14.80 -1.31 -19.85
CA THR C 25 14.28 -1.13 -18.50
C THR C 25 14.05 -2.48 -17.84
N ARG C 26 14.49 -2.62 -16.60
CA ARG C 26 14.19 -3.84 -15.84
C ARG C 26 12.86 -3.68 -15.10
N ASP C 27 11.93 -4.60 -15.33
CA ASP C 27 10.72 -4.68 -14.52
C ASP C 27 11.12 -4.81 -13.05
N GLY C 28 10.37 -4.20 -12.15
CA GLY C 28 10.71 -4.20 -10.74
C GLY C 28 9.75 -4.96 -9.85
N GLY C 29 9.85 -4.74 -8.56
CA GLY C 29 9.06 -5.49 -7.58
C GLY C 29 9.77 -6.77 -7.19
N VAL C 30 9.20 -7.51 -6.24
CA VAL C 30 9.75 -8.82 -5.93
C VAL C 30 9.52 -9.72 -7.15
N SER C 31 10.57 -10.40 -7.60
CA SER C 31 10.50 -11.19 -8.83
C SER C 31 9.79 -12.54 -8.63
N ASN C 32 9.12 -13.03 -9.67
CA ASN C 32 8.37 -14.28 -9.59
C ASN C 32 9.25 -15.52 -9.41
N ASP C 33 10.56 -15.29 -9.33
CA ASP C 33 11.54 -16.32 -8.98
C ASP C 33 11.74 -17.41 -10.02
N GLU C 34 12.96 -17.50 -10.55
CA GLU C 34 13.99 -16.52 -10.23
C GLU C 34 14.34 -15.74 -11.48
N THR C 35 13.34 -15.02 -11.98
CA THR C 35 13.41 -14.41 -13.30
C THR C 35 13.52 -12.89 -13.25
N GLU C 36 14.33 -12.33 -14.14
CA GLU C 36 14.32 -10.89 -14.35
C GLU C 36 13.76 -10.61 -15.73
N ILE C 37 12.84 -9.66 -15.80
CA ILE C 37 12.20 -9.28 -17.05
C ILE C 37 12.78 -7.96 -17.57
N PHE C 38 13.12 -7.94 -18.86
CA PHE C 38 13.72 -6.75 -19.45
C PHE C 38 12.95 -6.30 -20.68
N ARG C 39 12.68 -5.00 -20.76
CA ARG C 39 11.97 -4.42 -21.90
C ARG C 39 12.76 -3.23 -22.45
N PRO C 40 12.54 -2.88 -23.72
CA PRO C 40 13.10 -1.64 -24.26
C PRO C 40 12.73 -0.46 -23.38
N SER C 41 13.71 0.41 -23.12
CA SER C 41 13.58 1.50 -22.13
C SER C 41 12.19 2.15 -21.95
N GLY C 42 11.80 2.30 -20.69
CA GLY C 42 10.61 3.06 -20.35
C GLY C 42 10.92 4.54 -20.18
N GLY C 43 12.20 4.88 -20.35
CA GLY C 43 12.64 6.27 -20.25
C GLY C 43 12.42 7.05 -21.54
N ASP C 44 13.39 7.90 -21.87
CA ASP C 44 13.27 8.81 -23.00
C ASP C 44 14.65 9.24 -23.54
N MET C 45 14.70 10.40 -24.20
CA MET C 45 15.95 10.88 -24.80
C MET C 45 17.05 11.10 -23.77
N ARG C 46 16.65 11.55 -22.57
CA ARG C 46 17.63 11.76 -21.50
C ARG C 46 18.42 10.51 -21.21
N ASP C 47 17.71 9.38 -21.07
CA ASP C 47 18.35 8.08 -20.80
C ASP C 47 19.32 7.74 -21.92
N ILE C 48 18.87 7.97 -23.15
CA ILE C 48 19.65 7.66 -24.33
C ILE C 48 20.91 8.53 -24.44
N ALA C 49 20.76 9.82 -24.15
CA ALA C 49 21.88 10.73 -24.18
C ALA C 49 22.95 10.42 -23.13
N ARG C 50 22.54 9.87 -21.99
CA ARG C 50 23.51 9.57 -20.92
C ARG C 50 24.29 8.28 -21.21
N CYS C 51 23.75 7.42 -22.06
CA CYS C 51 24.44 6.18 -22.44
C CYS C 51 25.83 6.39 -23.07
N GLN C 52 26.03 7.55 -23.67
CA GLN C 52 27.32 7.91 -24.29
C GLN C 52 27.78 6.99 -25.42
N ILE C 53 26.86 6.22 -26.01
CA ILE C 53 27.26 5.27 -27.05
C ILE C 53 26.35 5.32 -28.28
N ALA C 54 25.42 6.27 -28.29
CA ALA C 54 24.40 6.33 -29.33
C ALA C 54 24.94 6.75 -30.69
N GLY C 55 25.88 7.69 -30.71
CA GLY C 55 26.49 8.14 -31.94
C GLY C 55 25.71 9.25 -32.65
N THR C 56 25.96 9.39 -33.95
CA THR C 56 25.34 10.42 -34.77
C THR C 56 23.82 10.35 -34.86
N VAL C 57 23.29 9.20 -35.24
CA VAL C 57 21.86 9.07 -35.53
C VAL C 57 20.99 9.12 -34.27
N VAL C 58 19.81 9.71 -34.40
CA VAL C 58 18.86 9.75 -33.31
C VAL C 58 17.86 8.61 -33.44
N SER C 59 17.90 7.70 -32.48
CA SER C 59 17.00 6.55 -32.50
C SER C 59 16.50 6.17 -31.11
N THR C 60 15.42 5.38 -31.06
CA THR C 60 14.98 4.81 -29.79
C THR C 60 15.16 3.30 -29.77
N GLN C 61 15.21 2.73 -28.57
CA GLN C 61 15.38 1.28 -28.35
C GLN C 61 16.72 0.75 -28.84
N LEU C 62 17.00 0.88 -30.13
CA LEU C 62 18.28 0.46 -30.68
C LEU C 62 19.20 1.65 -30.96
N PHE C 63 20.48 1.49 -30.68
CA PHE C 63 21.50 2.42 -31.13
C PHE C 63 21.89 2.04 -32.55
N LEU C 64 21.98 3.03 -33.42
CA LEU C 64 22.33 2.81 -34.83
C LEU C 64 23.64 3.51 -35.21
N ASN C 65 24.54 2.77 -35.85
CA ASN C 65 25.83 3.32 -36.30
C ASN C 65 26.67 3.95 -35.19
N GLY C 66 26.55 3.42 -33.97
CA GLY C 66 27.24 4.00 -32.84
C GLY C 66 28.60 3.36 -32.59
N SER C 67 29.05 3.44 -31.33
CA SER C 67 30.32 2.86 -30.96
C SER C 67 30.16 1.38 -30.64
N LEU C 68 31.25 0.63 -30.74
CA LEU C 68 31.25 -0.78 -30.37
C LEU C 68 32.22 -1.02 -29.20
N ALA C 69 32.20 -2.23 -28.65
CA ALA C 69 33.10 -2.60 -27.57
C ALA C 69 34.23 -3.47 -28.11
N GLU C 70 35.21 -3.76 -27.26
CA GLU C 70 36.38 -4.54 -27.66
C GLU C 70 36.06 -5.98 -28.07
N GLU C 71 35.93 -6.88 -27.10
CA GLU C 71 35.75 -8.29 -27.41
C GLU C 71 34.37 -8.82 -27.04
N GLU C 72 33.83 -8.31 -25.94
CA GLU C 72 32.54 -8.79 -25.45
C GLU C 72 31.53 -7.65 -25.33
N VAL C 73 30.25 -8.00 -25.25
CA VAL C 73 29.21 -7.02 -24.98
C VAL C 73 29.32 -6.53 -23.53
N VAL C 74 29.19 -5.22 -23.35
CA VAL C 74 29.24 -4.62 -22.03
C VAL C 74 27.95 -3.86 -21.71
N ILE C 75 27.30 -4.27 -20.64
CA ILE C 75 26.14 -3.56 -20.12
C ILE C 75 26.62 -2.56 -19.09
N ARG C 76 25.94 -1.42 -19.00
CA ARG C 76 26.29 -0.39 -18.04
C ARG C 76 25.05 0.29 -17.48
N SER C 77 25.15 0.78 -16.25
CA SER C 77 24.04 1.51 -15.63
C SER C 77 24.57 2.55 -14.64
N VAL C 78 23.72 3.51 -14.32
CA VAL C 78 23.98 4.46 -13.25
C VAL C 78 23.79 3.73 -11.92
N ASP C 79 22.93 2.72 -11.93
CA ASP C 79 22.56 1.98 -10.73
C ASP C 79 21.68 0.80 -11.10
N PHE C 80 22.28 -0.40 -11.21
CA PHE C 80 21.53 -1.62 -11.55
C PHE C 80 20.39 -1.97 -10.60
N ARG C 81 20.46 -1.52 -9.34
CA ARG C 81 19.42 -1.82 -8.36
C ARG C 81 18.18 -0.96 -8.59
N ASP C 82 18.33 0.13 -9.32
CA ASP C 82 17.24 1.07 -9.55
C ASP C 82 16.51 0.76 -10.84
N ASN C 83 15.24 0.37 -10.72
CA ASN C 83 14.46 0.00 -11.91
C ASN C 83 14.09 1.23 -12.74
N ALA C 84 14.22 2.40 -12.12
CA ALA C 84 13.99 3.67 -12.80
C ALA C 84 15.20 4.10 -13.62
N LYS C 85 16.35 3.46 -13.37
CA LYS C 85 17.52 3.68 -14.22
C LYS C 85 17.55 2.64 -15.34
N SER C 86 17.81 3.09 -16.55
CA SER C 86 17.86 2.21 -17.71
C SER C 86 19.21 1.53 -17.81
N ILE C 87 19.26 0.43 -18.54
CA ILE C 87 20.51 -0.29 -18.73
C ILE C 87 21.01 -0.08 -20.15
N CYS C 88 22.22 0.45 -20.27
CA CYS C 88 22.84 0.72 -21.57
C CYS C 88 23.65 -0.49 -22.03
N VAL C 89 23.30 -1.01 -23.21
CA VAL C 89 23.93 -2.22 -23.72
C VAL C 89 24.73 -1.93 -24.97
N GLN C 90 26.04 -2.10 -24.89
CA GLN C 90 26.92 -1.86 -26.03
C GLN C 90 27.44 -3.16 -26.63
N LEU C 91 27.06 -3.43 -27.88
CA LEU C 91 27.53 -4.61 -28.59
C LEU C 91 29.02 -4.51 -28.93
N ALA C 92 29.67 -5.65 -29.10
CA ALA C 92 31.07 -5.69 -29.53
C ALA C 92 31.10 -5.95 -31.03
N THR C 93 30.26 -6.88 -31.48
CA THR C 93 30.07 -7.14 -32.90
C THR C 93 28.69 -6.64 -33.34
N SER C 94 28.67 -5.79 -34.35
CA SER C 94 27.41 -5.14 -34.76
C SER C 94 26.49 -6.10 -35.49
N VAL C 95 25.21 -5.75 -35.55
CA VAL C 95 24.24 -6.57 -36.26
C VAL C 95 23.56 -5.72 -37.34
N GLU C 96 23.75 -6.12 -38.59
CA GLU C 96 23.18 -5.39 -39.71
C GLU C 96 21.66 -5.38 -39.66
N ILE C 97 21.08 -4.24 -40.00
CA ILE C 97 19.64 -4.15 -40.17
C ILE C 97 19.32 -3.62 -41.58
N ALA C 98 19.00 -4.55 -42.47
CA ALA C 98 18.74 -4.22 -43.86
C ALA C 98 17.33 -3.66 -44.07
N CYS C 99 17.25 -2.42 -44.55
CA CYS C 99 15.98 -1.86 -44.95
C CYS C 99 15.79 -2.07 -46.45
N THR C 100 14.55 -2.30 -46.87
CA THR C 100 14.31 -2.67 -48.25
C THR C 100 13.51 -1.63 -49.02
N GLY C 101 12.63 -0.91 -48.32
CA GLY C 101 11.75 0.05 -48.97
C GLY C 101 10.36 -0.51 -49.18
N ALA C 102 10.23 -1.82 -49.05
CA ALA C 102 8.94 -2.49 -49.18
C ALA C 102 8.01 -2.14 -48.01
N GLY C 103 8.60 -1.77 -46.88
CA GLY C 103 7.83 -1.37 -45.73
C GLY C 103 8.39 -1.91 -44.43
N HIS C 104 9.30 -2.87 -44.55
CA HIS C 104 9.87 -3.52 -43.38
C HIS C 104 11.39 -3.49 -43.44
N CYS C 105 12.02 -3.68 -42.29
CA CYS C 105 13.46 -3.82 -42.20
C CYS C 105 13.78 -5.19 -41.60
N ALA C 106 14.90 -5.77 -41.98
CA ALA C 106 15.21 -7.15 -41.61
C ALA C 106 16.59 -7.34 -40.97
N ILE C 107 16.68 -8.29 -40.04
CA ILE C 107 17.94 -8.68 -39.44
C ILE C 107 18.06 -10.21 -39.39
N SER C 108 19.29 -10.72 -39.29
CA SER C 108 19.51 -12.14 -39.19
C SER C 108 19.04 -12.68 -37.83
N ARG C 109 18.21 -13.71 -37.85
CA ARG C 109 17.67 -14.27 -36.62
C ARG C 109 18.77 -14.99 -35.84
N ALA C 110 19.60 -15.74 -36.54
CA ALA C 110 20.72 -16.43 -35.92
C ALA C 110 21.67 -15.44 -35.24
N LYS C 111 21.95 -14.33 -35.92
CA LYS C 111 22.89 -13.35 -35.40
C LYS C 111 22.35 -12.61 -34.18
N TRP C 112 21.04 -12.36 -34.19
CA TRP C 112 20.40 -11.64 -33.10
C TRP C 112 20.25 -12.56 -31.88
N ALA C 113 19.87 -13.80 -32.13
CA ALA C 113 19.82 -14.81 -31.08
C ALA C 113 21.18 -14.98 -30.44
N ASN C 114 22.23 -15.04 -31.27
CA ASN C 114 23.60 -15.14 -30.78
C ASN C 114 23.97 -13.91 -29.95
N THR C 115 23.38 -12.77 -30.30
CA THR C 115 23.61 -11.53 -29.59
C THR C 115 22.85 -11.53 -28.26
N LEU C 116 21.58 -11.91 -28.32
CA LEU C 116 20.73 -11.94 -27.14
C LEU C 116 21.24 -12.93 -26.10
N LYS C 117 21.92 -13.97 -26.56
CA LYS C 117 22.46 -14.98 -25.67
C LYS C 117 23.57 -14.37 -24.83
N GLN C 118 24.34 -13.49 -25.45
CA GLN C 118 25.46 -12.85 -24.79
C GLN C 118 24.98 -11.79 -23.81
N ILE C 119 23.99 -11.02 -24.23
CA ILE C 119 23.40 -10.03 -23.34
C ILE C 119 22.78 -10.72 -22.12
N ALA C 120 22.10 -11.84 -22.36
CA ALA C 120 21.48 -12.59 -21.27
C ALA C 120 22.50 -13.08 -20.26
N SER C 121 23.66 -13.54 -20.74
CA SER C 121 24.67 -14.07 -19.84
C SER C 121 25.32 -12.97 -18.99
N LYS C 122 25.39 -11.76 -19.54
CA LYS C 122 25.91 -10.62 -18.79
C LYS C 122 24.90 -10.16 -17.75
N LEU C 123 23.62 -10.15 -18.12
CA LEU C 123 22.56 -9.74 -17.22
C LEU C 123 22.43 -10.78 -16.10
N ARG C 124 22.45 -12.04 -16.50
CA ARG C 124 22.38 -13.16 -15.57
C ARG C 124 23.52 -13.05 -14.57
N GLU C 125 24.64 -12.50 -15.03
CA GLU C 125 25.81 -12.35 -14.18
C GLU C 125 25.62 -11.19 -13.21
N GLN C 126 25.16 -10.07 -13.73
CA GLN C 126 24.98 -8.87 -12.92
C GLN C 126 23.92 -9.09 -11.83
N PHE C 127 22.79 -9.69 -12.23
CA PHE C 127 21.66 -9.86 -11.32
C PHE C 127 21.60 -11.18 -10.56
N GLY C 128 22.26 -12.21 -11.08
CA GLY C 128 22.28 -13.50 -10.41
C GLY C 128 21.08 -14.39 -10.72
N ALA C 129 20.11 -13.85 -11.43
CA ALA C 129 18.88 -14.59 -11.75
C ALA C 129 19.18 -15.74 -12.71
N ARG C 130 18.47 -16.85 -12.54
CA ARG C 130 18.68 -18.00 -13.42
C ARG C 130 18.18 -17.69 -14.84
N THR C 131 16.97 -17.17 -14.95
CA THR C 131 16.37 -16.94 -16.25
C THR C 131 16.18 -15.46 -16.57
N ILE C 132 16.36 -15.14 -17.85
CA ILE C 132 16.25 -13.78 -18.36
C ILE C 132 15.20 -13.77 -19.45
N ILE C 133 14.21 -12.88 -19.30
CA ILE C 133 13.18 -12.76 -20.31
C ILE C 133 13.17 -11.38 -20.92
N PHE C 134 13.25 -11.32 -22.24
CA PHE C 134 13.06 -10.09 -23.01
C PHE C 134 11.61 -9.99 -23.45
N LYS C 135 11.00 -8.84 -23.15
CA LYS C 135 9.61 -8.58 -23.51
C LYS C 135 9.49 -7.22 -24.18
N GLN C 136 8.43 -7.04 -24.96
CA GLN C 136 8.19 -5.80 -25.68
C GLN C 136 8.00 -4.64 -24.71
N SER C 137 7.99 -3.43 -25.26
CA SER C 137 7.81 -2.22 -24.48
C SER C 137 6.50 -2.24 -23.69
N SER C 138 6.58 -1.81 -22.44
CA SER C 138 5.44 -1.73 -21.55
C SER C 138 4.37 -0.79 -22.06
N GLY C 139 4.75 0.13 -22.94
CA GLY C 139 3.86 1.15 -23.48
C GLY C 139 4.58 2.48 -23.69
N GLY C 140 3.81 3.50 -24.06
CA GLY C 140 4.37 4.82 -24.30
C GLY C 140 3.98 5.47 -25.61
N ASP C 141 4.40 6.73 -25.78
CA ASP C 141 4.18 7.44 -27.04
C ASP C 141 4.88 6.70 -28.18
N PRO C 142 4.30 6.78 -29.40
CA PRO C 142 4.77 6.13 -30.63
C PRO C 142 6.28 6.09 -30.83
N GLU C 143 6.96 7.20 -30.54
CA GLU C 143 8.41 7.27 -30.75
C GLU C 143 9.20 6.33 -29.85
N PHE C 144 8.61 5.89 -28.74
CA PHE C 144 9.36 5.09 -27.77
C PHE C 144 8.90 3.64 -27.68
N VAL C 145 7.61 3.42 -27.88
CA VAL C 145 7.06 2.07 -27.86
C VAL C 145 7.61 1.29 -29.05
N THR C 146 7.93 1.99 -30.14
CA THR C 146 8.60 1.39 -31.29
C THR C 146 10.10 1.73 -31.32
N HIS C 147 10.87 0.94 -32.06
CA HIS C 147 12.20 1.38 -32.47
C HIS C 147 12.00 2.45 -33.54
N SER C 148 12.28 3.70 -33.19
CA SER C 148 12.07 4.79 -34.13
C SER C 148 13.39 5.49 -34.42
N PHE C 149 13.55 6.01 -35.63
CA PHE C 149 14.82 6.62 -35.99
C PHE C 149 14.73 7.71 -37.08
N ASN C 150 15.64 8.67 -36.98
CA ASN C 150 15.74 9.76 -37.94
C ASN C 150 16.80 9.47 -39.00
N CYS C 151 16.37 9.37 -40.25
CA CYS C 151 17.27 9.22 -41.39
C CYS C 151 16.95 10.28 -42.43
N GLY C 152 17.98 11.00 -42.88
CA GLY C 152 17.82 12.06 -43.86
C GLY C 152 16.80 13.13 -43.49
N GLY C 153 16.52 13.26 -42.20
CA GLY C 153 15.54 14.23 -41.73
C GLY C 153 14.12 13.68 -41.63
N GLU C 154 13.98 12.38 -41.82
CA GLU C 154 12.67 11.74 -41.84
C GLU C 154 12.55 10.77 -40.66
N PHE C 155 11.41 10.78 -39.97
CA PHE C 155 11.22 9.91 -38.82
C PHE C 155 10.54 8.59 -39.18
N PHE C 156 11.20 7.49 -38.87
CA PHE C 156 10.64 6.18 -39.17
C PHE C 156 10.30 5.42 -37.88
N TYR C 157 9.17 4.72 -37.89
CA TYR C 157 8.67 4.05 -36.70
C TYR C 157 8.53 2.55 -36.96
N CYS C 158 9.39 1.76 -36.31
CA CYS C 158 9.43 0.33 -36.58
C CYS C 158 9.05 -0.50 -35.36
N ASP C 159 8.12 -1.43 -35.56
CA ASP C 159 7.69 -2.32 -34.49
C ASP C 159 8.76 -3.35 -34.19
N SER C 160 9.31 -3.31 -32.97
CA SER C 160 10.46 -4.13 -32.62
C SER C 160 10.11 -5.41 -31.88
N THR C 161 8.85 -5.84 -31.95
CA THR C 161 8.39 -6.95 -31.12
C THR C 161 9.14 -8.28 -31.36
N GLN C 162 9.45 -8.57 -32.62
CA GLN C 162 10.18 -9.80 -32.93
C GLN C 162 11.60 -9.78 -32.39
N LEU C 163 12.07 -8.60 -31.99
CA LEU C 163 13.39 -8.45 -31.39
C LEU C 163 13.38 -8.85 -29.91
N PHE C 164 12.23 -8.70 -29.28
CA PHE C 164 12.15 -8.80 -27.83
C PHE C 164 11.03 -9.73 -27.40
N ALA C 165 11.23 -11.03 -27.60
CA ALA C 165 10.22 -12.02 -27.25
C ALA C 165 10.87 -13.38 -27.09
N SER C 166 11.77 -13.48 -26.12
CA SER C 166 12.45 -14.74 -25.89
C SER C 166 12.82 -14.93 -24.42
N THR C 167 13.00 -16.18 -24.02
CA THR C 167 13.38 -16.52 -22.67
C THR C 167 14.74 -17.22 -22.71
N TRP C 168 15.62 -16.84 -21.79
CA TRP C 168 16.95 -17.43 -21.74
C TRP C 168 17.25 -18.08 -20.39
N PHE C 169 17.68 -19.33 -20.41
CA PHE C 169 17.99 -20.05 -19.18
C PHE C 169 19.50 -20.22 -18.99
#